data_7ABS
#
_entry.id   7ABS
#
_cell.length_a   72.690
_cell.length_b   111.010
_cell.length_c   55.160
_cell.angle_alpha   90.00
_cell.angle_beta   90.00
_cell.angle_gamma   90.00
#
_symmetry.space_group_name_H-M   'P 21 21 2'
#
loop_
_entity.id
_entity.type
_entity.pdbx_description
1 polymer 'Protein artemis'
2 polymer "DNA (5'-D(P*GP*CP*GP*AP*TP*CP*AP*GP*CP*T)-3')"
3 polymer "DNA (5'-D(*CP*AP*GP*C)-3')"
4 non-polymer 'ZINC ION'
5 water water
#
loop_
_entity_poly.entity_id
_entity_poly.type
_entity_poly.pdbx_seq_one_letter_code
_entity_poly.pdbx_strand_id
1 'polypeptide(L)'
;SSFEGQMAEYPTISIDRFDRENLRARAYFLSHCHKDHMKGLRAPTLKRRLECSLKVYLYCSPVTKELLLTSPKYRFWKKR
IISIEIETPTQISLVDEASGEKEEIVVTLLPAGHCPGSVMFLFQGNNGTVLYTGDFRLAQGEAARMELLHSGGRVKDIQS
VYLDTTFCDPRFYQIPSREECLSGVLELVRSWITRSPYHVVWLNCKAAYGYEYLFTNLSEELGVQVHVNKLDMFRNMPEI
LHHLTTDRNTQIHACRHPKAEEYFQWSKLPCGITSRNRIPLHIISIKPSTMWFGERSRKTNVIVRTGESSYRACFSFHSS
YSEIKDFLSYLCPVNAYPNVIPVGTTMDKVVEILKPLCRSSQSTEPKKGENLYFQ
;
A
2 'polydeoxyribonucleotide' (DG)(DC)(DG)(DA)(DT)(DC)(DA)(DG)(DC)(DT) B
3 'polydeoxyribonucleotide' (DC)(DA)(DC)(DA)(DG)(DC)(DT)(DG)(DA)(DT)(DC)(DG)(DC) E
#
loop_
_chem_comp.id
_chem_comp.type
_chem_comp.name
_chem_comp.formula
DA DNA linking 2'-DEOXYADENOSINE-5'-MONOPHOSPHATE 'C10 H14 N5 O6 P'
DC DNA linking 2'-DEOXYCYTIDINE-5'-MONOPHOSPHATE 'C9 H14 N3 O7 P'
DG DNA linking 2'-DEOXYGUANOSINE-5'-MONOPHOSPHATE 'C10 H14 N5 O7 P'
DT DNA linking THYMIDINE-5'-MONOPHOSPHATE 'C10 H15 N2 O8 P'
ZN non-polymer 'ZINC ION' 'Zn 2'
#
# COMPACT_ATOMS: atom_id res chain seq x y z
N SER A 2 -8.28 15.26 1.92
CA SER A 2 -7.20 14.30 2.30
C SER A 2 -6.82 14.51 3.78
N PHE A 3 -6.24 13.49 4.41
CA PHE A 3 -5.98 13.42 5.88
C PHE A 3 -4.79 14.30 6.23
N GLU A 4 -5.04 15.28 7.10
CA GLU A 4 -4.07 16.35 7.40
C GLU A 4 -3.17 15.93 8.56
N GLY A 5 -3.23 14.66 8.99
CA GLY A 5 -2.20 14.08 9.88
C GLY A 5 -2.64 13.96 11.33
N GLN A 6 -3.72 14.63 11.75
CA GLN A 6 -4.13 14.69 13.18
C GLN A 6 -5.52 14.09 13.39
N MET A 7 -5.60 13.11 14.27
CA MET A 7 -6.90 12.56 14.75
C MET A 7 -7.38 13.43 15.92
N ALA A 8 -8.65 13.85 15.94
CA ALA A 8 -9.20 14.72 17.01
C ALA A 8 -8.90 14.14 18.40
N GLU A 9 -8.89 12.82 18.55
CA GLU A 9 -8.88 12.20 19.89
C GLU A 9 -7.47 12.23 20.45
N TYR A 10 -6.45 12.22 19.58
CA TYR A 10 -5.01 12.20 19.97
C TYR A 10 -4.23 13.19 19.11
N PRO A 11 -4.51 14.51 19.23
CA PRO A 11 -4.00 15.49 18.27
C PRO A 11 -2.49 15.68 18.33
N THR A 12 -1.80 15.19 19.34
CA THR A 12 -0.36 15.46 19.58
C THR A 12 0.47 14.38 18.90
N ILE A 13 -0.18 13.48 18.15
CA ILE A 13 0.61 12.60 17.26
C ILE A 13 0.20 12.90 15.83
N SER A 14 1.15 12.70 14.92
CA SER A 14 0.95 12.96 13.49
C SER A 14 1.14 11.65 12.72
N ILE A 15 0.17 11.30 11.90
CA ILE A 15 0.25 10.13 11.00
C ILE A 15 0.21 10.58 9.53
N ASP A 16 1.17 10.11 8.75
CA ASP A 16 1.11 10.13 7.25
C ASP A 16 1.01 11.57 6.68
N ARG A 17 1.44 12.58 7.44
CA ARG A 17 1.49 14.03 7.08
C ARG A 17 2.40 14.71 8.10
N PHE A 18 3.35 15.51 7.61
CA PHE A 18 4.53 15.94 8.39
C PHE A 18 4.79 17.45 8.25
N ASP A 19 3.84 18.19 7.68
CA ASP A 19 3.95 19.63 7.31
C ASP A 19 2.99 20.39 8.22
N ARG A 20 3.07 21.72 8.20
CA ARG A 20 2.15 22.66 8.90
C ARG A 20 2.00 22.24 10.37
N GLU A 21 0.77 22.07 10.85
CA GLU A 21 0.50 21.79 12.29
C GLU A 21 1.19 20.49 12.74
N ASN A 22 1.60 19.60 11.81
CA ASN A 22 2.29 18.31 12.14
C ASN A 22 3.73 18.53 12.59
N LEU A 23 4.25 19.74 12.40
CA LEU A 23 5.63 20.07 12.83
C LEU A 23 5.73 20.12 14.37
N ARG A 24 4.61 20.22 15.10
CA ARG A 24 4.58 20.29 16.61
C ARG A 24 4.36 18.91 17.25
N ALA A 25 4.32 17.79 16.51
CA ALA A 25 3.86 16.47 17.00
C ALA A 25 4.81 15.93 18.05
N ARG A 26 4.29 15.25 19.06
CA ARG A 26 5.15 14.59 20.08
C ARG A 26 5.69 13.30 19.50
N ALA A 27 4.99 12.71 18.53
CA ALA A 27 5.41 11.44 17.88
C ALA A 27 4.87 11.37 16.45
N TYR A 28 5.64 10.72 15.57
CA TYR A 28 5.27 10.54 14.15
C TYR A 28 5.03 9.05 13.91
N PHE A 29 4.09 8.77 13.01
CA PHE A 29 3.81 7.41 12.48
C PHE A 29 3.73 7.46 10.96
N LEU A 30 4.28 6.45 10.32
CA LEU A 30 4.13 6.23 8.85
C LEU A 30 3.55 4.84 8.57
N SER A 31 2.34 4.82 8.05
CA SER A 31 1.54 3.59 7.78
C SER A 31 2.19 2.76 6.67
N HIS A 32 2.76 3.42 5.66
CA HIS A 32 3.46 2.77 4.51
C HIS A 32 4.31 3.78 3.70
N CYS A 33 5.26 3.26 2.93
CA CYS A 33 6.24 4.05 2.14
C CYS A 33 5.68 4.42 0.74
N HIS A 34 4.56 5.15 0.67
CA HIS A 34 4.03 5.80 -0.56
C HIS A 34 4.13 7.31 -0.40
N LYS A 35 4.56 8.00 -1.46
CA LYS A 35 4.83 9.47 -1.48
C LYS A 35 3.62 10.26 -0.98
N ASP A 36 2.41 9.91 -1.40
CA ASP A 36 1.13 10.51 -0.95
C ASP A 36 1.09 10.63 0.58
N HIS A 37 1.79 9.76 1.31
CA HIS A 37 1.63 9.56 2.77
C HIS A 37 2.89 10.06 3.47
N MET A 38 3.76 10.77 2.73
CA MET A 38 5.11 11.20 3.20
C MET A 38 5.30 12.71 2.94
N LYS A 39 4.20 13.44 2.75
CA LYS A 39 4.25 14.90 2.50
C LYS A 39 4.90 15.59 3.69
N GLY A 40 6.04 16.23 3.46
CA GLY A 40 6.73 17.06 4.48
C GLY A 40 7.82 16.30 5.20
N LEU A 41 7.96 15.00 4.93
CA LEU A 41 8.75 14.07 5.77
C LEU A 41 10.25 14.31 5.60
N ARG A 42 10.65 15.11 4.62
CA ARG A 42 12.06 15.52 4.48
C ARG A 42 12.16 17.05 4.33
N ALA A 43 11.13 17.80 4.73
CA ALA A 43 11.18 19.28 4.74
C ALA A 43 12.41 19.69 5.55
N PRO A 44 13.16 20.76 5.14
CA PRO A 44 14.33 21.23 5.90
C PRO A 44 13.95 21.57 7.35
N THR A 45 12.81 22.25 7.52
CA THR A 45 12.24 22.68 8.83
C THR A 45 11.99 21.47 9.72
N LEU A 46 11.62 20.30 9.17
CA LEU A 46 11.43 19.08 10.00
C LEU A 46 12.79 18.52 10.41
N LYS A 47 13.76 18.50 9.49
CA LYS A 47 15.10 17.95 9.82
C LYS A 47 15.69 18.78 10.96
N ARG A 48 15.43 20.09 10.94
CA ARG A 48 15.98 21.04 11.93
C ARG A 48 15.32 20.74 13.27
N ARG A 49 13.99 20.89 13.33
CA ARG A 49 13.18 20.53 14.53
C ARG A 49 13.66 19.19 15.10
N LEU A 50 14.00 18.25 14.25
CA LEU A 50 14.52 16.94 14.68
C LEU A 50 15.78 17.16 15.55
N GLU A 51 16.72 17.98 15.08
CA GLU A 51 18.03 18.20 15.76
C GLU A 51 17.84 18.93 17.11
N CYS A 52 16.77 19.72 17.27
CA CYS A 52 16.38 20.42 18.53
C CYS A 52 15.66 19.48 19.50
N SER A 53 14.46 18.97 19.15
CA SER A 53 13.66 17.99 19.93
C SER A 53 14.23 16.58 19.75
N LEU A 54 15.07 16.08 20.66
CA LEU A 54 15.75 14.76 20.50
C LEU A 54 14.84 13.62 20.97
N LYS A 55 13.66 13.96 21.50
CA LYS A 55 12.69 12.99 22.07
C LYS A 55 11.66 12.57 21.01
N VAL A 56 11.50 13.34 19.94
CA VAL A 56 10.47 13.08 18.87
C VAL A 56 11.00 11.98 17.94
N TYR A 57 10.22 10.92 17.76
CA TYR A 57 10.59 9.72 16.96
C TYR A 57 9.51 9.48 15.90
N LEU A 58 9.84 8.68 14.89
CA LEU A 58 8.90 8.11 13.87
C LEU A 58 8.72 6.62 14.09
N TYR A 59 7.47 6.16 14.24
CA TYR A 59 7.08 4.74 14.44
C TYR A 59 6.44 4.21 13.14
N CYS A 60 6.83 3.02 12.71
CA CYS A 60 6.36 2.35 11.49
C CYS A 60 6.66 0.86 11.61
N SER A 61 6.29 0.04 10.63
CA SER A 61 6.62 -1.40 10.57
C SER A 61 8.11 -1.56 10.28
N PRO A 62 8.72 -2.72 10.58
CA PRO A 62 10.09 -3.01 10.15
C PRO A 62 10.31 -2.85 8.64
N VAL A 63 9.39 -3.38 7.83
CA VAL A 63 9.51 -3.33 6.36
C VAL A 63 9.53 -1.86 5.96
N THR A 64 8.54 -1.06 6.39
CA THR A 64 8.48 0.40 6.06
C THR A 64 9.79 1.10 6.44
N LYS A 65 10.37 0.78 7.60
CA LYS A 65 11.66 1.39 8.07
C LYS A 65 12.79 1.04 7.09
N GLU A 66 12.93 -0.24 6.75
CA GLU A 66 13.90 -0.72 5.74
C GLU A 66 13.68 0.05 4.40
N LEU A 67 12.46 0.13 3.89
CA LEU A 67 12.20 0.71 2.54
C LEU A 67 12.49 2.21 2.56
N LEU A 68 12.24 2.88 3.69
CA LEU A 68 12.38 4.34 3.83
C LEU A 68 13.88 4.66 3.90
N LEU A 69 14.62 3.96 4.76
CA LEU A 69 16.08 4.15 4.98
C LEU A 69 16.93 3.64 3.80
N THR A 70 16.33 3.21 2.70
CA THR A 70 17.07 2.93 1.45
C THR A 70 17.22 4.21 0.65
N SER A 71 16.17 5.04 0.56
CA SER A 71 16.18 6.32 -0.19
C SER A 71 17.15 7.28 0.51
N PRO A 72 18.15 7.88 -0.18
CA PRO A 72 19.16 8.70 0.49
C PRO A 72 18.58 9.99 1.11
N LYS A 73 17.46 10.51 0.57
CA LYS A 73 16.78 11.74 1.06
C LYS A 73 16.19 11.57 2.49
N TYR A 74 16.16 10.36 3.05
CA TYR A 74 15.46 10.03 4.33
C TYR A 74 16.46 9.44 5.35
N ARG A 75 17.77 9.54 5.08
CA ARG A 75 18.84 8.94 5.94
C ARG A 75 18.97 9.77 7.24
N PHE A 76 18.58 11.04 7.23
CA PHE A 76 18.59 11.89 8.44
C PHE A 76 17.65 11.29 9.51
N TRP A 77 16.75 10.36 9.15
CA TRP A 77 15.86 9.62 10.10
C TRP A 77 16.59 8.39 10.66
N LYS A 78 17.71 8.00 10.05
CA LYS A 78 18.42 6.72 10.33
C LYS A 78 18.21 6.31 11.78
N LYS A 79 18.41 7.26 12.72
CA LYS A 79 18.59 6.99 14.17
C LYS A 79 17.37 7.44 14.98
N ARG A 80 16.35 7.99 14.32
CA ARG A 80 15.13 8.54 14.94
C ARG A 80 13.87 7.74 14.51
N ILE A 81 14.03 6.48 14.11
CA ILE A 81 12.88 5.61 13.70
C ILE A 81 12.88 4.38 14.59
N ILE A 82 11.75 4.12 15.23
CA ILE A 82 11.53 2.91 16.05
C ILE A 82 10.50 2.07 15.29
N SER A 83 10.94 0.94 14.76
CA SER A 83 10.04 -0.06 14.16
C SER A 83 9.31 -0.77 15.30
N ILE A 84 8.03 -1.07 15.14
CA ILE A 84 7.23 -1.96 16.03
C ILE A 84 6.76 -3.15 15.19
N GLU A 85 6.91 -4.36 15.71
CA GLU A 85 6.47 -5.62 15.03
C GLU A 85 4.94 -5.61 14.91
N ILE A 86 4.44 -6.23 13.85
CA ILE A 86 2.99 -6.47 13.59
C ILE A 86 2.34 -7.13 14.83
N GLU A 87 1.12 -6.73 15.17
CA GLU A 87 0.20 -7.49 16.07
C GLU A 87 0.81 -7.56 17.47
N THR A 88 1.43 -6.47 17.94
CA THR A 88 2.26 -6.43 19.15
C THR A 88 1.98 -5.12 19.88
N PRO A 89 0.95 -5.10 20.76
CA PRO A 89 0.60 -3.90 21.53
C PRO A 89 1.84 -3.34 22.22
N THR A 90 2.18 -2.08 21.92
CA THR A 90 3.39 -1.37 22.41
C THR A 90 2.95 -0.03 23.02
N GLN A 91 3.37 0.19 24.27
CA GLN A 91 3.12 1.43 25.02
C GLN A 91 4.15 2.46 24.59
N ILE A 92 3.72 3.67 24.28
CA ILE A 92 4.61 4.80 23.90
C ILE A 92 4.34 5.99 24.83
N SER A 93 5.39 6.61 25.36
CA SER A 93 5.38 7.78 26.29
C SER A 93 5.52 9.06 25.48
N LEU A 94 4.40 9.69 25.14
CA LEU A 94 4.29 11.03 24.55
C LEU A 94 4.66 12.05 25.64
N VAL A 95 5.68 12.86 25.39
CA VAL A 95 6.12 13.93 26.32
C VAL A 95 6.14 15.23 25.51
N ASP A 96 5.55 16.29 26.05
CA ASP A 96 5.70 17.68 25.54
C ASP A 96 6.97 18.31 26.13
N GLU A 97 7.80 18.76 25.19
CA GLU A 97 9.10 19.44 25.39
C GLU A 97 8.91 20.70 26.23
N ALA A 98 7.94 21.52 25.82
CA ALA A 98 7.74 22.90 26.30
C ALA A 98 7.10 22.90 27.70
N SER A 99 6.11 22.02 27.94
CA SER A 99 5.20 22.06 29.12
C SER A 99 5.53 20.98 30.18
N GLY A 100 6.28 19.93 29.83
CA GLY A 100 6.51 18.72 30.66
C GLY A 100 5.33 17.77 30.72
N GLU A 101 4.26 18.01 29.99
CA GLU A 101 3.09 17.08 30.01
C GLU A 101 3.46 15.72 29.39
N LYS A 102 3.13 14.63 30.06
CA LYS A 102 3.39 13.24 29.65
C LYS A 102 2.03 12.59 29.38
N GLU A 103 1.90 11.80 28.32
CA GLU A 103 0.71 10.97 28.04
C GLU A 103 1.24 9.58 27.62
N GLU A 104 0.52 8.53 27.97
CA GLU A 104 0.82 7.12 27.64
C GLU A 104 -0.25 6.73 26.61
N ILE A 105 0.16 6.00 25.59
CA ILE A 105 -0.77 5.51 24.55
C ILE A 105 -0.26 4.14 24.14
N VAL A 106 -1.17 3.24 23.81
CA VAL A 106 -0.80 1.86 23.39
C VAL A 106 -1.12 1.83 21.91
N VAL A 107 -0.16 1.39 21.10
CA VAL A 107 -0.39 1.25 19.63
C VAL A 107 -0.21 -0.21 19.22
N THR A 108 -1.07 -0.67 18.32
CA THR A 108 -0.97 -2.01 17.70
C THR A 108 -0.90 -1.80 16.18
N LEU A 109 0.10 -2.35 15.51
CA LEU A 109 0.14 -2.38 14.02
C LEU A 109 -0.57 -3.66 13.53
N LEU A 110 -1.57 -3.50 12.67
CA LEU A 110 -2.35 -4.56 12.00
C LEU A 110 -1.98 -4.53 10.52
N PRO A 111 -1.80 -5.70 9.84
CA PRO A 111 -1.45 -5.71 8.41
C PRO A 111 -2.55 -5.07 7.57
N ALA A 112 -2.22 -4.28 6.55
CA ALA A 112 -3.23 -3.50 5.81
C ALA A 112 -3.49 -4.09 4.42
N GLY A 113 -2.59 -4.94 3.94
CA GLY A 113 -2.73 -5.70 2.69
C GLY A 113 -2.59 -4.76 1.52
N HIS A 114 -1.83 -3.69 1.67
CA HIS A 114 -1.77 -2.64 0.62
C HIS A 114 -0.44 -2.69 -0.15
N CYS A 115 0.66 -2.82 0.57
CA CYS A 115 2.00 -2.91 0.00
C CYS A 115 2.91 -3.47 1.07
N PRO A 116 4.12 -3.94 0.76
CA PRO A 116 5.07 -4.33 1.79
C PRO A 116 5.17 -3.26 2.89
N GLY A 117 5.00 -3.66 4.14
CA GLY A 117 5.15 -2.83 5.35
C GLY A 117 3.88 -2.04 5.68
N SER A 118 2.84 -2.10 4.87
CA SER A 118 1.61 -1.30 5.09
C SER A 118 0.87 -1.83 6.32
N VAL A 119 0.61 -0.95 7.28
CA VAL A 119 -0.11 -1.25 8.55
C VAL A 119 -1.29 -0.30 8.71
N MET A 120 -2.27 -0.77 9.48
CA MET A 120 -3.28 0.05 10.19
C MET A 120 -2.72 0.32 11.59
N PHE A 121 -3.08 1.46 12.20
CA PHE A 121 -2.65 1.79 13.58
C PHE A 121 -3.89 1.81 14.47
N LEU A 122 -3.98 0.86 15.42
CA LEU A 122 -5.02 0.86 16.49
C LEU A 122 -4.44 1.58 17.69
N PHE A 123 -5.09 2.67 18.13
CA PHE A 123 -4.60 3.46 19.29
C PHE A 123 -5.60 3.31 20.44
N GLN A 124 -5.06 2.98 21.60
CA GLN A 124 -5.80 2.87 22.89
C GLN A 124 -5.12 3.81 23.89
N GLY A 125 -5.88 4.77 24.42
CA GLY A 125 -5.37 5.62 25.51
C GLY A 125 -6.51 6.28 26.26
N ASN A 126 -6.28 7.50 26.73
CA ASN A 126 -7.14 8.19 27.73
C ASN A 126 -8.36 8.77 27.04
N ASN A 127 -8.46 8.75 25.71
CA ASN A 127 -9.54 9.49 25.01
C ASN A 127 -10.16 8.56 23.97
N GLY A 128 -10.34 7.29 24.34
CA GLY A 128 -11.05 6.29 23.53
C GLY A 128 -10.14 5.51 22.63
N THR A 129 -10.69 4.53 21.94
CA THR A 129 -9.97 3.63 21.01
C THR A 129 -10.20 4.14 19.59
N VAL A 130 -9.13 4.35 18.84
CA VAL A 130 -9.26 4.81 17.43
C VAL A 130 -8.43 3.90 16.53
N LEU A 131 -8.93 3.73 15.30
CA LEU A 131 -8.24 2.95 14.23
C LEU A 131 -7.90 3.86 13.03
N TYR A 132 -6.61 4.01 12.75
CA TYR A 132 -6.21 4.71 11.50
C TYR A 132 -5.81 3.64 10.49
N THR A 133 -6.53 3.49 9.39
CA THR A 133 -6.34 2.31 8.51
C THR A 133 -5.12 2.45 7.60
N GLY A 134 -4.61 3.66 7.46
CA GLY A 134 -3.75 4.03 6.32
C GLY A 134 -4.44 3.64 5.04
N ASP A 135 -3.67 3.23 4.04
CA ASP A 135 -4.29 2.66 2.81
C ASP A 135 -4.47 1.17 3.09
N PHE A 136 -5.60 0.57 2.75
CA PHE A 136 -5.86 -0.88 3.03
C PHE A 136 -6.67 -1.51 1.91
N ARG A 137 -6.43 -2.81 1.72
CA ARG A 137 -7.25 -3.74 0.88
C ARG A 137 -7.49 -4.99 1.72
N LEU A 138 -8.73 -5.18 2.18
CA LEU A 138 -9.12 -6.33 3.04
C LEU A 138 -10.34 -6.99 2.38
N ALA A 139 -10.26 -8.29 2.12
CA ALA A 139 -11.41 -9.13 1.70
C ALA A 139 -12.55 -9.06 2.73
N GLN A 140 -13.79 -9.27 2.29
CA GLN A 140 -14.98 -9.43 3.17
C GLN A 140 -14.58 -10.34 4.35
N GLY A 141 -15.01 -9.97 5.56
CA GLY A 141 -14.82 -10.77 6.79
C GLY A 141 -13.47 -10.53 7.44
N GLU A 142 -12.50 -9.90 6.79
CA GLU A 142 -11.11 -9.85 7.32
C GLU A 142 -11.06 -9.20 8.72
N ALA A 143 -11.85 -8.16 8.97
CA ALA A 143 -11.87 -7.43 10.25
C ALA A 143 -12.26 -8.42 11.37
N ALA A 144 -13.28 -9.24 11.10
CA ALA A 144 -13.82 -10.26 12.03
C ALA A 144 -12.77 -11.33 12.35
N ARG A 145 -11.71 -11.47 11.55
CA ARG A 145 -10.66 -12.50 11.80
C ARG A 145 -9.41 -11.85 12.39
N MET A 146 -9.41 -10.52 12.66
CA MET A 146 -8.26 -9.85 13.33
C MET A 146 -8.47 -9.86 14.85
N GLU A 147 -7.65 -10.65 15.55
CA GLU A 147 -7.82 -10.95 17.00
C GLU A 147 -7.65 -9.62 17.77
N LEU A 148 -6.71 -8.77 17.38
CA LEU A 148 -6.35 -7.62 18.22
C LEU A 148 -7.32 -6.45 17.99
N LEU A 149 -8.33 -6.63 17.12
CA LEU A 149 -9.53 -5.76 17.06
C LEU A 149 -10.64 -6.23 18.01
N HIS A 150 -10.43 -7.31 18.76
CA HIS A 150 -11.46 -7.94 19.63
C HIS A 150 -11.01 -7.89 21.11
N SER A 151 -11.98 -7.91 22.02
CA SER A 151 -11.77 -8.21 23.46
C SER A 151 -12.91 -9.12 23.90
N GLY A 152 -12.58 -10.27 24.49
CA GLY A 152 -13.54 -11.28 24.95
C GLY A 152 -14.42 -11.76 23.81
N GLY A 153 -13.80 -11.98 22.64
CA GLY A 153 -14.41 -12.60 21.44
C GLY A 153 -15.33 -11.68 20.67
N ARG A 154 -15.64 -10.48 21.18
CA ARG A 154 -16.42 -9.44 20.46
C ARG A 154 -15.54 -8.24 20.10
N VAL A 155 -16.00 -7.46 19.12
CA VAL A 155 -15.24 -6.31 18.57
C VAL A 155 -15.11 -5.26 19.68
N LYS A 156 -13.92 -4.66 19.82
CA LYS A 156 -13.62 -3.56 20.77
C LYS A 156 -14.59 -2.40 20.49
N ASP A 157 -14.86 -1.66 21.54
CA ASP A 157 -15.55 -0.35 21.49
C ASP A 157 -14.56 0.62 20.83
N ILE A 158 -14.82 0.99 19.59
CA ILE A 158 -13.93 1.87 18.76
C ILE A 158 -14.70 3.17 18.61
N GLN A 159 -14.12 4.26 19.12
CA GLN A 159 -14.75 5.59 19.07
C GLN A 159 -14.76 6.05 17.60
N SER A 160 -13.59 5.98 16.95
CA SER A 160 -13.38 6.62 15.61
C SER A 160 -12.58 5.72 14.69
N VAL A 161 -13.03 5.60 13.44
CA VAL A 161 -12.20 4.96 12.38
C VAL A 161 -11.78 6.02 11.37
N TYR A 162 -10.46 6.12 11.13
CA TYR A 162 -9.88 6.95 10.02
C TYR A 162 -9.51 6.03 8.82
N LEU A 163 -10.35 6.05 7.78
CA LEU A 163 -10.64 4.97 6.79
C LEU A 163 -10.17 5.40 5.39
N ASP A 164 -9.42 4.55 4.68
CA ASP A 164 -9.13 4.64 3.21
C ASP A 164 -10.43 4.51 2.42
N THR A 165 -10.93 5.61 1.87
CA THR A 165 -12.20 5.72 1.12
C THR A 165 -11.90 5.91 -0.38
N THR A 166 -10.76 5.47 -0.87
CA THR A 166 -10.39 5.59 -2.33
C THR A 166 -11.55 5.15 -3.21
N PHE A 167 -12.23 4.02 -2.94
CA PHE A 167 -13.34 3.57 -3.81
C PHE A 167 -14.68 3.57 -3.03
N CYS A 168 -14.90 4.59 -2.19
CA CYS A 168 -16.13 4.69 -1.34
C CYS A 168 -17.28 5.31 -2.14
N ASP A 169 -17.86 4.49 -3.01
CA ASP A 169 -19.00 4.79 -3.92
C ASP A 169 -19.53 3.45 -4.46
N PRO A 170 -20.85 3.28 -4.59
CA PRO A 170 -21.42 2.00 -5.01
C PRO A 170 -21.07 1.67 -6.48
N ARG A 171 -20.66 2.64 -7.29
CA ARG A 171 -20.04 2.45 -8.62
C ARG A 171 -19.00 1.31 -8.53
N PHE A 172 -18.12 1.37 -7.53
CA PHE A 172 -17.02 0.38 -7.33
C PHE A 172 -17.46 -0.79 -6.45
N TYR A 173 -18.63 -1.33 -6.71
CA TYR A 173 -19.28 -2.28 -5.77
C TYR A 173 -18.33 -3.43 -5.45
N GLN A 174 -17.82 -4.07 -6.51
CA GLN A 174 -17.00 -5.30 -6.33
C GLN A 174 -15.72 -5.16 -7.17
N ILE A 175 -14.60 -5.63 -6.63
CA ILE A 175 -13.31 -5.73 -7.35
C ILE A 175 -12.82 -7.16 -7.23
N PRO A 176 -12.47 -7.85 -8.34
CA PRO A 176 -11.87 -9.16 -8.26
C PRO A 176 -10.81 -9.23 -7.18
N SER A 177 -10.75 -10.38 -6.50
CA SER A 177 -9.89 -10.65 -5.32
C SER A 177 -8.41 -10.75 -5.75
N ARG A 178 -7.52 -10.60 -4.78
CA ARG A 178 -6.06 -10.76 -4.88
C ARG A 178 -5.78 -12.04 -5.69
N GLU A 179 -6.38 -13.15 -5.30
CA GLU A 179 -6.11 -14.50 -5.86
C GLU A 179 -6.62 -14.56 -7.30
N GLU A 180 -7.80 -14.04 -7.61
CA GLU A 180 -8.28 -14.12 -9.02
C GLU A 180 -7.38 -13.28 -9.92
N CYS A 181 -6.85 -12.17 -9.40
CA CYS A 181 -6.01 -11.21 -10.15
C CYS A 181 -4.68 -11.92 -10.43
N LEU A 182 -4.02 -12.44 -9.41
CA LEU A 182 -2.80 -13.24 -9.64
C LEU A 182 -3.07 -14.36 -10.67
N SER A 183 -4.18 -15.08 -10.56
CA SER A 183 -4.41 -16.32 -11.34
C SER A 183 -4.55 -15.94 -12.81
N GLY A 184 -5.25 -14.84 -13.07
CA GLY A 184 -5.49 -14.37 -14.44
C GLY A 184 -4.18 -13.98 -15.11
N VAL A 185 -3.29 -13.33 -14.36
CA VAL A 185 -1.97 -12.85 -14.86
C VAL A 185 -1.06 -14.08 -15.07
N LEU A 186 -0.95 -14.92 -14.06
CA LEU A 186 -0.18 -16.17 -14.13
C LEU A 186 -0.51 -16.91 -15.44
N GLU A 187 -1.78 -17.08 -15.76
CA GLU A 187 -2.15 -17.88 -16.94
C GLU A 187 -1.82 -17.12 -18.21
N LEU A 188 -2.03 -15.82 -18.26
CA LEU A 188 -1.71 -15.08 -19.51
C LEU A 188 -0.20 -15.26 -19.79
N VAL A 189 0.61 -15.16 -18.72
CA VAL A 189 2.09 -15.07 -18.81
C VAL A 189 2.57 -16.46 -19.23
N ARG A 190 2.05 -17.51 -18.60
CA ARG A 190 2.36 -18.92 -18.96
C ARG A 190 2.04 -19.17 -20.42
N SER A 191 0.84 -18.80 -20.88
CA SER A 191 0.36 -19.01 -22.26
C SER A 191 1.32 -18.34 -23.27
N TRP A 192 2.05 -17.32 -22.85
CA TRP A 192 2.89 -16.54 -23.80
C TRP A 192 4.30 -17.11 -23.79
N ILE A 193 4.90 -17.27 -22.61
CA ILE A 193 6.36 -17.47 -22.52
C ILE A 193 6.69 -18.96 -22.75
N THR A 194 5.75 -19.88 -22.59
CA THR A 194 5.97 -21.31 -22.96
C THR A 194 5.98 -21.48 -24.49
N ARG A 195 5.60 -20.47 -25.29
CA ARG A 195 5.55 -20.65 -26.78
C ARG A 195 6.95 -20.72 -27.39
N SER A 196 7.90 -19.94 -26.90
CA SER A 196 9.34 -20.01 -27.31
C SER A 196 10.17 -19.17 -26.36
N PRO A 197 11.49 -19.46 -26.22
CA PRO A 197 12.34 -18.73 -25.28
C PRO A 197 12.40 -17.24 -25.64
N TYR A 198 11.91 -16.88 -26.83
CA TYR A 198 11.97 -15.48 -27.33
C TYR A 198 10.66 -14.73 -27.03
N HIS A 199 9.67 -15.41 -26.46
CA HIS A 199 8.35 -14.82 -26.05
C HIS A 199 8.56 -14.23 -24.65
N VAL A 200 8.46 -12.89 -24.53
CA VAL A 200 8.72 -12.22 -23.22
C VAL A 200 7.52 -11.34 -22.85
N VAL A 201 7.33 -11.15 -21.55
CA VAL A 201 6.26 -10.27 -20.98
C VAL A 201 6.92 -9.04 -20.35
N TRP A 202 6.37 -7.86 -20.64
CA TRP A 202 6.67 -6.62 -19.91
C TRP A 202 5.48 -6.30 -18.98
N LEU A 203 5.70 -6.36 -17.67
CA LEU A 203 4.76 -5.94 -16.62
C LEU A 203 4.91 -4.43 -16.46
N ASN A 204 3.98 -3.68 -17.06
CA ASN A 204 3.97 -2.20 -17.03
C ASN A 204 3.31 -1.67 -15.75
N CYS A 205 4.12 -1.54 -14.70
CA CYS A 205 3.75 -1.21 -13.30
C CYS A 205 4.22 0.20 -12.95
N LYS A 206 3.38 0.97 -12.26
CA LYS A 206 3.79 2.26 -11.68
C LYS A 206 4.98 2.02 -10.76
N ALA A 207 5.79 3.06 -10.59
CA ALA A 207 6.99 3.12 -9.76
C ALA A 207 6.59 3.38 -8.31
N ALA A 208 6.03 2.38 -7.63
CA ALA A 208 5.64 2.40 -6.21
C ALA A 208 5.55 0.96 -5.70
N TYR A 209 5.76 0.80 -4.42
CA TYR A 209 5.62 -0.50 -3.72
C TYR A 209 4.18 -0.99 -3.89
N GLY A 210 4.07 -2.29 -4.07
CA GLY A 210 2.79 -3.02 -3.99
C GLY A 210 2.63 -4.06 -5.07
N TYR A 211 3.52 -4.15 -6.07
CA TYR A 211 3.36 -5.15 -7.15
C TYR A 211 4.23 -6.37 -6.85
N GLU A 212 4.98 -6.30 -5.75
CA GLU A 212 5.94 -7.34 -5.31
C GLU A 212 5.25 -8.72 -5.25
N TYR A 213 4.00 -8.79 -4.79
CA TYR A 213 3.31 -10.09 -4.58
C TYR A 213 2.94 -10.70 -5.95
N LEU A 214 2.86 -9.88 -6.98
CA LEU A 214 2.60 -10.40 -8.34
C LEU A 214 3.90 -11.00 -8.88
N PHE A 215 5.01 -10.28 -8.69
CA PHE A 215 6.36 -10.70 -9.13
C PHE A 215 6.73 -12.01 -8.41
N THR A 216 6.56 -12.05 -7.10
CA THR A 216 6.81 -13.21 -6.21
C THR A 216 6.05 -14.45 -6.70
N ASN A 217 4.76 -14.32 -6.94
CA ASN A 217 3.89 -15.45 -7.33
C ASN A 217 4.16 -15.85 -8.79
N LEU A 218 4.46 -14.92 -9.71
CA LEU A 218 4.81 -15.29 -11.11
C LEU A 218 6.10 -16.12 -11.09
N SER A 219 7.05 -15.71 -10.25
CA SER A 219 8.42 -16.24 -10.13
C SER A 219 8.37 -17.66 -9.54
N GLU A 220 7.68 -17.83 -8.40
CA GLU A 220 7.45 -19.15 -7.77
C GLU A 220 6.83 -20.06 -8.83
N GLU A 221 5.68 -19.70 -9.40
CA GLU A 221 4.85 -20.64 -10.21
C GLU A 221 5.55 -20.98 -11.54
N LEU A 222 6.45 -20.16 -12.05
CA LEU A 222 6.97 -20.33 -13.43
C LEU A 222 8.50 -20.47 -13.44
N GLY A 223 9.14 -20.46 -12.26
CA GLY A 223 10.58 -20.67 -12.08
C GLY A 223 11.43 -19.64 -12.78
N VAL A 224 10.92 -18.41 -12.94
CA VAL A 224 11.56 -17.28 -13.70
C VAL A 224 11.65 -16.06 -12.79
N GLN A 225 12.86 -15.53 -12.54
CA GLN A 225 13.03 -14.26 -11.79
C GLN A 225 12.54 -13.05 -12.64
N VAL A 226 12.07 -12.00 -11.96
CA VAL A 226 11.45 -10.79 -12.59
C VAL A 226 12.51 -9.69 -12.71
N HIS A 227 12.71 -9.16 -13.92
CA HIS A 227 13.72 -8.10 -14.09
C HIS A 227 13.17 -6.80 -13.49
N VAL A 228 13.99 -6.10 -12.70
CA VAL A 228 13.66 -4.73 -12.17
C VAL A 228 14.82 -3.75 -12.42
N ASN A 229 14.54 -2.44 -12.36
CA ASN A 229 15.59 -1.40 -12.43
C ASN A 229 16.54 -1.48 -11.23
N LYS A 230 16.00 -1.53 -10.02
CA LYS A 230 16.77 -1.54 -8.74
C LYS A 230 16.08 -2.53 -7.81
N LEU A 231 16.87 -3.29 -7.04
CA LEU A 231 16.37 -4.23 -6.01
C LEU A 231 17.12 -4.01 -4.68
N ASP A 232 17.86 -2.89 -4.55
CA ASP A 232 18.73 -2.60 -3.36
C ASP A 232 17.85 -2.30 -2.15
N MET A 233 16.67 -1.68 -2.33
CA MET A 233 15.66 -1.51 -1.25
C MET A 233 15.25 -2.85 -0.61
N PHE A 234 15.48 -3.99 -1.27
CA PHE A 234 15.04 -5.31 -0.74
C PHE A 234 16.24 -6.16 -0.32
N ARG A 235 17.44 -5.57 -0.19
CA ARG A 235 18.72 -6.32 0.01
C ARG A 235 18.66 -7.12 1.33
N ASN A 236 17.99 -6.59 2.36
CA ASN A 236 17.81 -7.28 3.67
C ASN A 236 16.40 -7.89 3.78
N MET A 237 15.78 -8.24 2.65
CA MET A 237 14.41 -8.82 2.55
C MET A 237 14.39 -9.97 1.57
N PRO A 238 14.87 -11.17 1.98
CA PRO A 238 15.14 -12.26 1.04
C PRO A 238 13.90 -12.83 0.33
N GLU A 239 12.71 -12.66 0.92
CA GLU A 239 11.47 -13.32 0.43
C GLU A 239 10.92 -12.62 -0.83
N ILE A 240 11.37 -11.39 -1.11
CA ILE A 240 11.05 -10.66 -2.36
C ILE A 240 12.27 -10.77 -3.27
N LEU A 241 13.45 -10.48 -2.74
CA LEU A 241 14.72 -10.37 -3.48
C LEU A 241 15.04 -11.62 -4.29
N HIS A 242 14.70 -12.84 -3.84
CA HIS A 242 15.08 -14.07 -4.58
CA HIS A 242 15.12 -14.04 -4.60
C HIS A 242 14.16 -14.23 -5.79
N HIS A 243 13.13 -13.40 -5.88
CA HIS A 243 12.18 -13.45 -7.03
C HIS A 243 12.53 -12.37 -8.07
N LEU A 244 13.42 -11.43 -7.74
CA LEU A 244 13.83 -10.34 -8.65
C LEU A 244 15.26 -10.58 -9.15
N THR A 245 15.65 -9.84 -10.16
CA THR A 245 17.01 -9.86 -10.75
C THR A 245 17.24 -8.55 -11.50
N THR A 246 18.48 -8.12 -11.63
CA THR A 246 18.91 -7.04 -12.55
C THR A 246 19.46 -7.65 -13.83
N ASP A 247 19.54 -8.98 -13.88
CA ASP A 247 19.94 -9.70 -15.11
C ASP A 247 18.75 -9.69 -16.08
N ARG A 248 18.95 -9.08 -17.25
CA ARG A 248 17.96 -8.81 -18.32
C ARG A 248 17.60 -10.08 -19.10
N ASN A 249 18.33 -11.16 -18.83
CA ASN A 249 18.20 -12.47 -19.50
C ASN A 249 17.04 -13.23 -18.84
N THR A 250 15.84 -12.67 -18.88
CA THR A 250 14.64 -13.32 -18.30
C THR A 250 13.50 -13.08 -19.26
N GLN A 251 12.48 -13.92 -19.18
CA GLN A 251 11.28 -13.80 -20.06
C GLN A 251 10.21 -12.92 -19.39
N ILE A 252 10.45 -12.46 -18.15
CA ILE A 252 9.47 -11.56 -17.43
C ILE A 252 10.15 -10.27 -16.97
N HIS A 253 9.76 -9.15 -17.55
CA HIS A 253 10.33 -7.81 -17.22
C HIS A 253 9.30 -6.92 -16.50
N ALA A 254 9.73 -6.28 -15.40
CA ALA A 254 9.03 -5.18 -14.69
C ALA A 254 9.97 -3.99 -14.59
N CYS A 255 10.89 -3.85 -15.54
CA CYS A 255 11.82 -2.71 -15.68
C CYS A 255 10.98 -1.49 -16.11
N ARG A 256 11.54 -0.30 -15.98
CA ARG A 256 10.87 0.98 -16.26
C ARG A 256 11.82 1.89 -17.00
N HIS A 257 11.29 2.81 -17.78
CA HIS A 257 12.11 3.77 -18.54
C HIS A 257 11.16 4.88 -18.95
N PRO A 258 11.61 6.14 -18.94
CA PRO A 258 10.74 7.27 -19.26
C PRO A 258 10.04 7.12 -20.61
N LYS A 259 10.63 6.37 -21.54
CA LYS A 259 10.16 6.26 -22.95
C LYS A 259 9.62 4.86 -23.21
N ALA A 260 9.28 4.13 -22.15
CA ALA A 260 8.91 2.69 -22.20
C ALA A 260 7.81 2.46 -23.25
N GLU A 261 6.89 3.39 -23.45
CA GLU A 261 5.77 3.21 -24.39
C GLU A 261 6.35 3.19 -25.80
N GLU A 262 7.17 4.20 -26.12
CA GLU A 262 7.83 4.37 -27.42
C GLU A 262 8.73 3.14 -27.69
N TYR A 263 9.42 2.65 -26.67
CA TYR A 263 10.27 1.45 -26.71
C TYR A 263 9.41 0.24 -27.13
N PHE A 264 8.23 0.14 -26.51
CA PHE A 264 7.27 -0.97 -26.77
C PHE A 264 6.78 -0.95 -28.24
N GLN A 265 6.44 0.22 -28.76
CA GLN A 265 6.07 0.42 -30.18
C GLN A 265 7.12 -0.23 -31.09
N TRP A 266 8.39 -0.15 -30.70
CA TRP A 266 9.56 -0.63 -31.49
C TRP A 266 10.02 -2.00 -31.00
N SER A 267 9.22 -2.73 -30.23
CA SER A 267 9.59 -4.08 -29.75
C SER A 267 10.94 -3.99 -29.03
N LYS A 268 11.02 -3.03 -28.12
CA LYS A 268 12.19 -2.90 -27.22
C LYS A 268 11.69 -2.87 -25.78
N LEU A 269 12.29 -3.66 -24.89
CA LEU A 269 12.00 -3.65 -23.45
C LEU A 269 12.61 -2.40 -22.82
N PRO A 270 12.04 -1.91 -21.70
CA PRO A 270 12.49 -0.65 -21.09
C PRO A 270 13.99 -0.64 -20.77
N CYS A 271 14.55 -1.80 -20.46
CA CYS A 271 15.97 -1.98 -20.08
C CYS A 271 16.84 -2.02 -21.35
N GLY A 272 16.24 -1.99 -22.54
CA GLY A 272 16.92 -1.52 -23.78
C GLY A 272 17.18 -2.63 -24.79
N ILE A 273 16.83 -3.87 -24.51
CA ILE A 273 17.08 -4.98 -25.46
C ILE A 273 15.86 -5.22 -26.37
N THR A 274 16.14 -5.50 -27.64
CA THR A 274 15.12 -5.96 -28.61
C THR A 274 15.21 -7.47 -28.92
N SER A 275 16.29 -8.14 -28.55
CA SER A 275 16.67 -9.46 -29.13
CA SER A 275 16.72 -9.44 -29.16
C SER A 275 17.51 -10.28 -28.14
N ARG A 276 17.70 -11.56 -28.44
CA ARG A 276 18.61 -12.48 -27.69
C ARG A 276 19.29 -13.40 -28.71
N ASN A 277 20.63 -13.43 -28.72
CA ASN A 277 21.43 -14.22 -29.70
C ASN A 277 21.02 -13.78 -31.10
N ARG A 278 20.75 -12.48 -31.29
CA ARG A 278 20.45 -11.81 -32.59
C ARG A 278 19.03 -12.12 -33.08
N ILE A 279 18.24 -12.87 -32.31
CA ILE A 279 16.84 -13.23 -32.63
C ILE A 279 15.91 -12.21 -31.96
N PRO A 280 15.02 -11.50 -32.69
CA PRO A 280 14.07 -10.59 -32.05
C PRO A 280 13.17 -11.26 -31.00
N LEU A 281 12.96 -10.55 -29.89
CA LEU A 281 11.98 -10.96 -28.86
C LEU A 281 10.57 -10.66 -29.39
N HIS A 282 9.60 -11.40 -28.89
CA HIS A 282 8.15 -11.16 -29.09
C HIS A 282 7.60 -10.77 -27.71
N ILE A 283 7.24 -9.50 -27.57
CA ILE A 283 6.88 -8.88 -26.27
C ILE A 283 5.37 -8.74 -26.25
N ILE A 284 4.74 -9.11 -25.14
CA ILE A 284 3.42 -8.55 -24.75
C ILE A 284 3.60 -7.68 -23.49
N SER A 285 2.82 -6.61 -23.44
CA SER A 285 2.71 -5.73 -22.26
C SER A 285 1.47 -6.11 -21.46
N ILE A 286 1.65 -6.26 -20.15
CA ILE A 286 0.55 -6.45 -19.20
C ILE A 286 0.59 -5.30 -18.19
N LYS A 287 -0.50 -4.54 -18.13
CA LYS A 287 -0.67 -3.30 -17.33
C LYS A 287 -1.66 -3.57 -16.22
N PRO A 288 -1.21 -3.78 -14.98
CA PRO A 288 -2.13 -3.83 -13.84
C PRO A 288 -3.01 -2.58 -13.85
N SER A 289 -4.32 -2.75 -13.77
CA SER A 289 -5.33 -1.67 -13.89
C SER A 289 -6.55 -2.08 -13.07
N THR A 290 -7.00 -1.22 -12.16
CA THR A 290 -8.21 -1.46 -11.35
C THR A 290 -9.41 -1.63 -12.26
N MET A 291 -10.17 -2.69 -12.01
CA MET A 291 -11.45 -2.98 -12.70
C MET A 291 -12.43 -3.27 -11.58
N TRP A 292 -13.70 -3.05 -11.86
CA TRP A 292 -14.74 -3.14 -10.83
C TRP A 292 -16.03 -3.53 -11.53
N PHE A 293 -16.92 -4.11 -10.77
CA PHE A 293 -18.23 -4.61 -11.23
C PHE A 293 -19.33 -4.11 -10.27
N GLY A 294 -20.44 -3.64 -10.85
CA GLY A 294 -21.68 -3.27 -10.14
C GLY A 294 -22.26 -4.44 -9.36
N GLU A 295 -23.24 -4.15 -8.48
CA GLU A 295 -23.92 -5.12 -7.59
C GLU A 295 -24.45 -6.30 -8.41
N ARG A 296 -25.26 -6.06 -9.45
CA ARG A 296 -25.58 -7.12 -10.46
C ARG A 296 -24.24 -7.76 -10.84
N SER A 297 -24.01 -9.00 -10.39
CA SER A 297 -22.66 -9.64 -10.29
C SER A 297 -22.20 -10.20 -11.65
N ARG A 298 -22.67 -9.65 -12.79
CA ARG A 298 -22.22 -10.08 -14.14
C ARG A 298 -20.77 -9.60 -14.34
N LYS A 299 -19.85 -10.20 -13.57
CA LYS A 299 -18.40 -9.91 -13.64
C LYS A 299 -17.88 -10.42 -14.99
N THR A 300 -16.81 -9.78 -15.48
CA THR A 300 -16.07 -10.14 -16.71
C THR A 300 -14.64 -10.56 -16.34
N ASN A 301 -13.90 -11.02 -17.36
CA ASN A 301 -12.52 -11.52 -17.26
C ASN A 301 -11.67 -10.40 -16.61
N VAL A 302 -10.89 -10.69 -15.71
CA VAL A 302 -9.81 -9.86 -15.12
C VAL A 302 -8.71 -9.52 -16.17
N ILE A 303 -8.53 -10.34 -17.21
CA ILE A 303 -7.63 -10.02 -18.35
C ILE A 303 -8.50 -9.37 -19.43
N VAL A 304 -8.07 -8.24 -19.94
CA VAL A 304 -8.76 -7.50 -21.03
C VAL A 304 -7.71 -7.13 -22.07
N ARG A 305 -7.92 -7.53 -23.31
CA ARG A 305 -6.93 -7.41 -24.39
C ARG A 305 -7.10 -6.01 -24.96
N THR A 306 -6.01 -5.27 -25.15
CA THR A 306 -6.11 -3.84 -25.53
C THR A 306 -5.49 -3.60 -26.88
N GLY A 307 -4.91 -4.65 -27.49
CA GLY A 307 -4.38 -4.57 -28.87
C GLY A 307 -3.65 -5.83 -29.26
N GLU A 308 -2.94 -5.77 -30.38
CA GLU A 308 -2.19 -6.93 -30.93
C GLU A 308 -1.37 -7.57 -29.81
N SER A 309 -0.59 -6.79 -29.05
CA SER A 309 0.40 -7.30 -28.06
C SER A 309 0.23 -6.68 -26.66
N SER A 310 -0.95 -6.20 -26.30
CA SER A 310 -1.15 -5.37 -25.08
C SER A 310 -2.39 -5.84 -24.31
N TYR A 311 -2.25 -5.97 -22.99
CA TYR A 311 -3.32 -6.43 -22.06
C TYR A 311 -3.36 -5.50 -20.83
N ARG A 312 -4.55 -5.34 -20.31
CA ARG A 312 -4.79 -4.84 -18.95
C ARG A 312 -5.14 -6.06 -18.10
N ALA A 313 -4.69 -6.06 -16.86
CA ALA A 313 -4.98 -7.08 -15.84
C ALA A 313 -5.54 -6.40 -14.58
N CYS A 314 -6.66 -6.89 -14.06
CA CYS A 314 -7.22 -6.39 -12.78
C CYS A 314 -6.17 -6.47 -11.68
N PHE A 315 -6.06 -5.37 -10.96
CA PHE A 315 -5.19 -5.24 -9.76
C PHE A 315 -5.69 -4.00 -9.01
N SER A 316 -5.70 -4.06 -7.69
CA SER A 316 -6.20 -2.97 -6.82
C SER A 316 -5.37 -2.94 -5.57
N PHE A 317 -4.96 -1.76 -5.16
CA PHE A 317 -4.24 -1.48 -3.89
C PHE A 317 -5.25 -1.17 -2.77
N HIS A 318 -6.53 -0.94 -3.13
CA HIS A 318 -7.56 -0.38 -2.22
C HIS A 318 -8.83 -1.26 -2.25
N SER A 319 -9.47 -1.36 -1.09
CA SER A 319 -10.77 -2.02 -0.88
C SER A 319 -11.84 -1.44 -1.81
N SER A 320 -12.66 -2.32 -2.39
CA SER A 320 -13.93 -1.96 -3.06
C SER A 320 -14.91 -1.35 -2.03
N TYR A 321 -16.00 -0.82 -2.56
CA TYR A 321 -17.14 -0.29 -1.80
C TYR A 321 -17.70 -1.39 -0.90
N SER A 322 -17.86 -2.60 -1.43
CA SER A 322 -18.43 -3.76 -0.68
C SER A 322 -17.51 -4.02 0.49
N GLU A 323 -16.21 -4.06 0.25
CA GLU A 323 -15.23 -4.40 1.31
C GLU A 323 -15.17 -3.28 2.36
N ILE A 324 -15.28 -2.01 1.95
CA ILE A 324 -15.34 -0.88 2.90
C ILE A 324 -16.54 -1.08 3.84
N LYS A 325 -17.74 -1.24 3.26
CA LYS A 325 -19.02 -1.38 3.99
C LYS A 325 -18.93 -2.55 4.97
N ASP A 326 -18.41 -3.68 4.54
CA ASP A 326 -18.31 -4.90 5.36
C ASP A 326 -17.37 -4.59 6.51
N PHE A 327 -16.28 -3.85 6.26
CA PHE A 327 -15.20 -3.63 7.25
C PHE A 327 -15.73 -2.67 8.33
N LEU A 328 -16.40 -1.61 7.89
CA LEU A 328 -16.93 -0.56 8.80
C LEU A 328 -18.18 -1.05 9.56
N SER A 329 -19.11 -1.73 8.86
CA SER A 329 -20.36 -2.37 9.35
C SER A 329 -20.05 -3.22 10.57
N TYR A 330 -19.00 -4.02 10.43
CA TYR A 330 -18.51 -4.99 11.42
C TYR A 330 -17.94 -4.26 12.63
N LEU A 331 -17.22 -3.14 12.44
CA LEU A 331 -16.48 -2.50 13.55
C LEU A 331 -17.47 -1.61 14.27
N CYS A 332 -18.45 -1.10 13.55
CA CYS A 332 -19.52 -0.26 14.12
C CYS A 332 -18.94 0.78 15.09
N PRO A 333 -18.05 1.67 14.62
CA PRO A 333 -17.47 2.68 15.50
C PRO A 333 -18.51 3.75 15.79
N VAL A 334 -18.25 4.62 16.76
CA VAL A 334 -19.14 5.81 16.92
C VAL A 334 -18.94 6.70 15.68
N ASN A 335 -17.71 6.89 15.22
CA ASN A 335 -17.40 7.83 14.09
C ASN A 335 -16.53 7.14 13.01
N ALA A 336 -16.77 7.47 11.75
CA ALA A 336 -15.89 7.09 10.63
C ALA A 336 -15.57 8.33 9.80
N TYR A 337 -14.29 8.53 9.55
CA TYR A 337 -13.78 9.73 8.84
C TYR A 337 -13.02 9.26 7.60
N PRO A 338 -13.36 9.83 6.42
CA PRO A 338 -12.69 9.45 5.18
C PRO A 338 -11.28 10.04 5.12
N ASN A 339 -10.27 9.23 4.87
CA ASN A 339 -8.89 9.68 4.64
C ASN A 339 -8.80 10.44 3.31
N VAL A 340 -9.72 10.23 2.36
CA VAL A 340 -9.69 10.93 1.04
C VAL A 340 -11.12 11.14 0.54
N ILE A 341 -11.34 12.26 -0.13
CA ILE A 341 -12.55 12.49 -0.96
C ILE A 341 -12.12 12.41 -2.42
N PRO A 342 -12.42 11.30 -3.13
CA PRO A 342 -12.02 11.16 -4.52
C PRO A 342 -12.64 12.22 -5.44
N VAL A 343 -12.03 12.40 -6.62
CA VAL A 343 -12.37 13.47 -7.60
C VAL A 343 -13.83 13.34 -8.01
N GLY A 344 -14.40 12.13 -8.00
CA GLY A 344 -15.74 11.84 -8.56
C GLY A 344 -16.84 12.02 -7.55
N THR A 345 -16.51 12.29 -6.28
CA THR A 345 -17.53 12.37 -5.20
C THR A 345 -17.20 13.55 -4.27
N THR A 346 -17.96 13.67 -3.20
CA THR A 346 -18.00 14.83 -2.27
C THR A 346 -18.02 14.27 -0.85
N MET A 347 -17.56 15.07 0.11
CA MET A 347 -17.62 14.77 1.56
C MET A 347 -19.05 14.36 1.90
N ASP A 348 -20.04 15.06 1.37
CA ASP A 348 -21.46 14.81 1.71
C ASP A 348 -21.85 13.38 1.33
N LYS A 349 -21.52 12.93 0.12
CA LYS A 349 -21.95 11.58 -0.36
C LYS A 349 -21.15 10.52 0.39
N VAL A 350 -19.85 10.74 0.64
CA VAL A 350 -19.02 9.76 1.39
C VAL A 350 -19.60 9.64 2.81
N VAL A 351 -19.87 10.74 3.51
CA VAL A 351 -20.52 10.70 4.86
C VAL A 351 -21.92 10.05 4.77
N GLU A 352 -22.74 10.29 3.73
CA GLU A 352 -24.06 9.60 3.57
C GLU A 352 -23.82 8.08 3.55
N ILE A 353 -22.71 7.63 2.97
CA ILE A 353 -22.39 6.17 2.91
C ILE A 353 -21.89 5.75 4.29
N LEU A 354 -21.04 6.54 4.95
CA LEU A 354 -20.32 6.10 6.18
C LEU A 354 -21.27 6.15 7.40
N LYS A 355 -22.18 7.12 7.45
CA LYS A 355 -22.97 7.42 8.67
C LYS A 355 -23.82 6.20 9.05
N PRO A 356 -24.62 5.59 8.16
CA PRO A 356 -25.41 4.41 8.53
C PRO A 356 -24.64 3.19 9.04
N LEU A 357 -23.32 3.13 8.86
CA LEU A 357 -22.52 1.94 9.24
C LEU A 357 -21.97 2.15 10.65
N CYS A 358 -22.16 3.33 11.24
CA CYS A 358 -21.65 3.68 12.58
C CYS A 358 -22.78 3.46 13.59
N ARG A 359 -22.49 3.55 14.88
CA ARG A 359 -23.52 3.36 15.93
C ARG A 359 -24.72 4.29 15.70
N SER A 360 -25.92 3.70 15.73
CA SER A 360 -27.26 4.35 15.75
C SER A 360 -27.42 5.28 14.53
ZN ZN D . 14.03 -5.47 -18.42
ZN ZN E . -0.68 3.88 -0.61
ZN ZN F . -3.01 6.72 -2.12
#